data_3FDC
#
_entry.id   3FDC
#
_cell.length_a   74.200
_cell.length_b   74.200
_cell.length_c   85.820
_cell.angle_alpha   90.000
_cell.angle_beta   90.000
_cell.angle_gamma   120.000
#
_symmetry.space_group_name_H-M   'P 32 2 1'
#
loop_
_entity.id
_entity.type
_entity.pdbx_description
1 polymer Avidin
2 non-polymer "iron(II) tetracyano-5-(2-Oxo-hexahydro-thieno[3,4-d]imidazol-6-yl)-pentanoic acid (4'-methyl-[2,2']bipyridinyl-4-ylmethyl)-amide"
3 water water
#
_entity_poly.entity_id   1
_entity_poly.type   'polypeptide(L)'
_entity_poly.pdbx_seq_one_letter_code
;ARKCSLTGKWTNDLGSNMTIGAVNSRGEFTGTYTTAVTATSNEIKESPLHGTENTINKRTQPTFGFTVNWKFSESTTVFT
GQCFIDRNGKEVLKTMWLLRSSVNDIGDDWKATRVGINIFTRLRTQKE
;
_entity_poly.pdbx_strand_id   A,B
#
# COMPACT_ATOMS: atom_id res chain seq x y z
N CYS A 4 6.87 14.21 -13.77
CA CYS A 4 6.67 12.74 -13.64
C CYS A 4 5.33 12.50 -12.96
N SER A 5 4.48 11.72 -13.62
CA SER A 5 3.16 11.40 -13.08
C SER A 5 2.80 9.95 -13.36
N LEU A 6 2.04 9.37 -12.44
CA LEU A 6 1.61 7.99 -12.55
C LEU A 6 0.46 7.79 -13.54
N THR A 7 0.26 8.75 -14.43
CA THR A 7 -0.80 8.62 -15.41
C THR A 7 -0.26 8.02 -16.71
N GLY A 8 -0.85 6.92 -17.13
CA GLY A 8 -0.42 6.25 -18.35
C GLY A 8 -0.37 4.74 -18.26
N LYS A 9 0.19 4.10 -19.28
CA LYS A 9 0.29 2.65 -19.27
C LYS A 9 1.71 2.26 -18.93
N TRP A 10 1.85 1.51 -17.85
CA TRP A 10 3.16 1.07 -17.40
C TRP A 10 3.37 -0.43 -17.41
N THR A 11 4.60 -0.82 -17.72
CA THR A 11 5.03 -2.22 -17.77
C THR A 11 6.26 -2.34 -16.88
N ASN A 12 6.32 -3.36 -16.03
CA ASN A 12 7.50 -3.53 -15.20
C ASN A 12 8.41 -4.60 -15.80
N ASP A 13 9.43 -4.98 -15.03
CA ASP A 13 10.42 -5.98 -15.43
C ASP A 13 9.99 -7.44 -15.40
N LEU A 14 8.77 -7.72 -14.96
CA LEU A 14 8.29 -9.10 -14.89
C LEU A 14 7.43 -9.45 -16.09
N GLY A 15 7.08 -8.44 -16.88
CA GLY A 15 6.25 -8.66 -18.05
C GLY A 15 4.84 -8.20 -17.78
N SER A 16 4.64 -7.68 -16.58
CA SER A 16 3.34 -7.20 -16.17
C SER A 16 3.11 -5.74 -16.53
N ASN A 17 1.91 -5.43 -16.98
CA ASN A 17 1.52 -4.07 -17.37
C ASN A 17 0.69 -3.45 -16.25
N MET A 18 0.25 -2.21 -16.47
CA MET A 18 -0.60 -1.53 -15.50
C MET A 18 -0.90 -0.13 -16.00
N THR A 19 -2.15 0.27 -15.86
CA THR A 19 -2.60 1.57 -16.33
C THR A 19 -3.25 2.33 -15.21
N ILE A 20 -2.81 3.56 -15.05
CA ILE A 20 -3.37 4.44 -14.05
C ILE A 20 -4.06 5.62 -14.77
N GLY A 21 -5.36 5.65 -14.63
CA GLY A 21 -6.18 6.80 -15.04
C GLY A 21 -5.79 8.09 -14.30
N ALA A 22 -6.72 9.05 -14.26
CA ALA A 22 -6.29 10.42 -13.86
C ALA A 22 -6.03 10.62 -12.42
N VAL A 23 -4.92 11.23 -12.06
CA VAL A 23 -4.60 11.44 -10.66
C VAL A 23 -5.31 12.72 -10.19
N ASN A 24 -6.43 12.55 -9.49
CA ASN A 24 -7.26 13.66 -9.01
C ASN A 24 -6.51 14.78 -8.28
N SER A 25 -7.24 15.85 -7.97
CA SER A 25 -6.69 17.03 -7.28
C SER A 25 -5.84 16.70 -6.06
N ARG A 26 -6.47 16.05 -5.07
CA ARG A 26 -5.84 15.60 -3.84
C ARG A 26 -4.62 14.74 -4.03
N GLY A 27 -4.72 13.66 -4.77
CA GLY A 27 -3.55 12.78 -4.92
C GLY A 27 -3.99 11.48 -5.62
N GLU A 28 -5.07 10.98 -5.05
CA GLU A 28 -5.71 9.71 -5.36
C GLU A 28 -5.63 9.44 -6.86
N PHE A 29 -5.70 8.15 -7.20
CA PHE A 29 -5.64 7.70 -8.58
C PHE A 29 -6.07 6.23 -8.68
N THR A 30 -6.59 5.84 -9.84
CA THR A 30 -7.01 4.47 -10.02
C THR A 30 -6.38 3.87 -11.27
N GLY A 31 -6.51 2.56 -11.40
CA GLY A 31 -5.95 1.89 -12.56
C GLY A 31 -6.20 0.40 -12.51
N THR A 32 -5.63 -0.30 -13.47
CA THR A 32 -5.78 -1.75 -13.54
C THR A 32 -4.41 -2.39 -13.59
N TYR A 33 -4.31 -3.61 -13.07
CA TYR A 33 -3.03 -4.30 -13.02
C TYR A 33 -3.13 -5.68 -13.68
N THR A 34 -2.20 -5.97 -14.57
CA THR A 34 -2.14 -7.25 -15.29
C THR A 34 -0.77 -7.87 -15.05
N THR A 35 -0.68 -8.78 -14.09
CA THR A 35 0.56 -9.44 -13.76
C THR A 35 0.79 -10.53 -14.78
N ALA A 36 2.00 -11.08 -14.79
CA ALA A 36 2.36 -12.15 -15.72
C ALA A 36 2.76 -13.37 -14.95
N VAL A 37 2.81 -13.25 -13.63
CA VAL A 37 3.20 -14.34 -12.75
C VAL A 37 2.19 -14.46 -11.62
N THR A 38 2.45 -15.36 -10.76
CA THR A 38 1.58 -15.56 -9.57
C THR A 38 2.33 -16.44 -8.60
N ALA A 39 1.75 -17.00 -7.63
CA ALA A 39 2.38 -18.12 -6.85
C ALA A 39 2.37 -19.43 -7.62
N THR A 40 2.26 -19.32 -8.95
CA THR A 40 2.17 -20.39 -9.93
C THR A 40 2.09 -20.00 -11.36
N ASN A 42 -4.61 -20.90 -9.86
CA ASN A 42 -5.75 -20.60 -10.71
C ASN A 42 -5.26 -19.99 -12.01
N GLU A 43 -5.90 -18.91 -12.45
CA GLU A 43 -5.53 -18.14 -13.66
C GLU A 43 -4.89 -16.80 -13.32
N ILE A 44 -4.11 -16.27 -14.21
CA ILE A 44 -3.54 -14.87 -14.19
C ILE A 44 -4.71 -13.98 -14.29
N LYS A 45 -4.88 -12.78 -14.68
CA LYS A 45 -5.96 -11.86 -14.63
C LYS A 45 -5.45 -10.51 -14.14
N GLU A 46 -6.32 -9.61 -14.56
CA GLU A 46 -6.34 -8.19 -14.18
C GLU A 46 -7.08 -8.12 -12.83
N SER A 47 -6.79 -7.01 -12.20
CA SER A 47 -7.50 -6.63 -10.96
C SER A 47 -7.37 -5.11 -10.83
N PRO A 48 -8.24 -4.47 -10.07
CA PRO A 48 -8.15 -3.03 -9.87
C PRO A 48 -7.18 -2.61 -8.77
N LEU A 49 -6.38 -1.59 -9.07
CA LEU A 49 -5.45 -1.08 -8.08
C LEU A 49 -5.68 0.42 -7.94
N HIS A 50 -5.75 0.88 -6.69
CA HIS A 50 -5.94 2.30 -6.43
C HIS A 50 -4.69 2.73 -5.69
N GLY A 51 -4.31 4.00 -5.85
CA GLY A 51 -3.13 4.50 -5.18
C GLY A 51 -3.26 5.92 -4.68
N THR A 52 -2.12 6.57 -4.49
CA THR A 52 -2.08 7.94 -4.02
C THR A 52 -0.68 8.50 -4.20
N GLU A 53 -0.60 9.68 -4.79
CA GLU A 53 0.69 10.35 -5.01
C GLU A 53 0.78 11.48 -4.00
N ASN A 54 1.96 11.61 -3.36
CA ASN A 54 2.19 12.65 -2.37
C ASN A 54 2.59 13.97 -3.00
N THR A 55 1.61 14.90 -2.92
CA THR A 55 1.79 16.22 -3.46
C THR A 55 2.79 17.08 -2.69
N ILE A 56 2.56 17.19 -1.41
CA ILE A 56 3.23 18.11 -0.47
C ILE A 56 4.71 18.14 -0.79
N ASN A 57 4.74 19.83 -1.18
CA ASN A 57 5.94 20.54 -1.59
C ASN A 57 6.07 20.46 -3.10
N LYS A 58 4.88 20.20 -3.68
CA LYS A 58 4.77 20.27 -5.15
C LYS A 58 6.05 19.89 -5.82
N ARG A 59 6.33 18.58 -5.84
CA ARG A 59 7.54 18.10 -6.51
C ARG A 59 7.29 17.86 -8.03
N THR A 60 8.10 16.87 -8.57
CA THR A 60 8.00 16.33 -9.93
C THR A 60 8.42 14.85 -9.84
N GLN A 61 9.03 14.50 -8.71
CA GLN A 61 9.47 13.14 -8.43
C GLN A 61 9.04 12.81 -7.00
N PRO A 62 7.75 12.52 -6.81
CA PRO A 62 7.20 12.20 -5.48
C PRO A 62 7.03 10.70 -5.24
N THR A 63 6.85 10.34 -3.98
CA THR A 63 6.64 8.95 -3.64
C THR A 63 5.17 8.64 -3.79
N PHE A 64 4.85 7.38 -4.04
CA PHE A 64 3.46 6.98 -4.19
C PHE A 64 3.27 5.63 -3.55
N GLY A 65 2.01 5.24 -3.35
CA GLY A 65 1.74 3.97 -2.76
C GLY A 65 0.38 3.44 -3.15
N PHE A 66 0.35 2.40 -3.98
CA PHE A 66 -0.93 1.85 -4.40
C PHE A 66 -1.17 0.39 -4.00
N THR A 67 -2.44 0.08 -3.78
CA THR A 67 -2.85 -1.26 -3.37
C THR A 67 -3.58 -2.05 -4.45
N VAL A 68 -2.97 -3.15 -4.88
CA VAL A 68 -3.57 -3.99 -5.89
C VAL A 68 -4.31 -5.12 -5.19
N ASN A 69 -5.62 -5.14 -5.36
CA ASN A 69 -6.46 -6.13 -4.72
C ASN A 69 -6.72 -7.33 -5.63
N TRP A 70 -5.92 -8.38 -5.47
CA TRP A 70 -6.07 -9.57 -6.28
C TRP A 70 -7.41 -10.24 -6.05
N LYS A 71 -8.28 -10.18 -7.05
CA LYS A 71 -9.60 -10.78 -6.95
C LYS A 71 -9.53 -12.30 -6.83
N PHE A 72 -8.84 -12.94 -7.76
CA PHE A 72 -8.67 -14.40 -7.76
C PHE A 72 -7.72 -14.80 -6.63
N SER A 73 -8.27 -15.52 -5.65
CA SER A 73 -7.56 -15.96 -4.45
C SER A 73 -7.62 -14.76 -3.50
N GLU A 74 -7.54 -15.00 -2.20
CA GLU A 74 -7.63 -13.89 -1.26
C GLU A 74 -6.25 -13.38 -0.90
N SER A 75 -5.73 -12.59 -1.78
CA SER A 75 -4.38 -11.96 -1.69
C SER A 75 -4.62 -10.46 -1.49
N THR A 76 -3.76 -9.61 -1.85
CA THR A 76 -3.51 -8.21 -1.88
C THR A 76 -2.03 -8.09 -2.43
N THR A 77 -1.74 -6.97 -3.03
CA THR A 77 -0.32 -6.52 -3.03
C THR A 77 -0.32 -5.05 -2.71
N VAL A 78 0.80 -4.49 -2.31
CA VAL A 78 0.93 -3.05 -2.10
C VAL A 78 2.27 -2.65 -2.69
N PHE A 79 2.29 -1.56 -3.47
CA PHE A 79 3.54 -1.10 -4.05
C PHE A 79 3.87 0.25 -3.45
N THR A 80 5.14 0.46 -3.16
CA THR A 80 5.59 1.72 -2.60
C THR A 80 6.81 2.10 -3.42
N GLY A 81 6.84 3.33 -3.90
CA GLY A 81 7.98 3.73 -4.70
C GLY A 81 8.03 5.21 -5.02
N GLN A 82 8.90 5.58 -5.94
CA GLN A 82 9.04 6.98 -6.32
C GLN A 82 9.07 7.14 -7.82
N CYS A 83 8.33 8.13 -8.32
CA CYS A 83 8.27 8.44 -9.75
C CYS A 83 9.61 9.05 -10.09
N PHE A 84 10.41 8.37 -10.91
CA PHE A 84 11.70 8.92 -11.25
C PHE A 84 11.76 9.47 -12.67
N ILE A 85 12.96 9.90 -13.06
CA ILE A 85 13.22 10.56 -14.36
C ILE A 85 14.57 10.18 -14.87
N ASP A 86 14.98 8.91 -14.68
CA ASP A 86 16.29 8.45 -15.10
C ASP A 86 16.78 9.24 -16.29
N ARG A 87 18.00 9.71 -16.17
CA ARG A 87 18.91 10.38 -17.04
C ARG A 87 18.75 10.22 -18.51
N ASN A 88 17.99 9.23 -18.96
CA ASN A 88 17.48 9.27 -20.34
C ASN A 88 16.26 10.12 -20.53
N GLY A 89 15.98 11.05 -19.59
CA GLY A 89 14.85 11.95 -19.87
C GLY A 89 13.53 11.19 -19.99
N LYS A 90 13.58 9.90 -19.96
CA LYS A 90 12.43 8.99 -19.80
C LYS A 90 11.99 8.91 -18.37
N GLU A 91 11.05 8.03 -18.04
CA GLU A 91 10.52 7.89 -16.72
C GLU A 91 10.85 6.49 -16.18
N VAL A 92 10.77 6.33 -14.88
CA VAL A 92 11.06 5.06 -14.26
C VAL A 92 10.44 4.95 -12.87
N LEU A 93 9.66 3.90 -12.66
CA LEU A 93 9.04 3.64 -11.36
C LEU A 93 9.86 2.60 -10.60
N LYS A 94 10.57 3.06 -9.58
CA LYS A 94 11.40 2.19 -8.75
C LYS A 94 10.56 1.92 -7.51
N THR A 95 10.19 0.65 -7.31
CA THR A 95 9.35 0.28 -6.18
C THR A 95 9.58 -1.11 -5.66
N MET A 96 9.22 -1.27 -4.40
CA MET A 96 9.29 -2.55 -3.74
C MET A 96 7.87 -2.80 -3.32
N TRP A 97 7.54 -4.07 -3.11
CA TRP A 97 6.19 -4.45 -2.71
C TRP A 97 6.18 -5.48 -1.62
N LEU A 98 4.97 -5.76 -1.18
CA LEU A 98 4.69 -6.75 -0.17
C LEU A 98 3.48 -7.54 -0.68
N LEU A 99 3.62 -8.86 -0.83
CA LEU A 99 2.51 -9.70 -1.26
C LEU A 99 1.95 -10.48 -0.06
N ARG A 100 0.77 -10.11 0.40
CA ARG A 100 0.15 -10.78 1.53
C ARG A 100 -0.75 -11.93 1.08
N SER A 101 -0.52 -13.12 1.63
CA SER A 101 -1.33 -14.29 1.30
C SER A 101 -2.37 -14.53 2.40
N SER A 102 -3.56 -15.03 2.06
CA SER A 102 -4.58 -15.29 3.07
C SER A 102 -4.19 -16.54 3.82
N VAL A 103 -4.12 -16.46 5.14
CA VAL A 103 -3.73 -17.59 5.94
C VAL A 103 -4.83 -18.10 6.85
N ASN A 104 -5.06 -19.38 6.90
CA ASN A 104 -5.96 -20.12 7.74
C ASN A 104 -6.15 -19.63 9.14
N ASP A 105 -5.08 -19.22 9.81
CA ASP A 105 -5.27 -18.73 11.19
C ASP A 105 -4.32 -17.65 11.59
N ILE A 106 -4.65 -17.02 12.71
CA ILE A 106 -3.84 -15.97 13.27
C ILE A 106 -2.41 -16.41 13.51
N GLY A 107 -2.25 -17.63 14.00
CA GLY A 107 -0.92 -18.15 14.32
C GLY A 107 -0.09 -18.71 13.20
N ASP A 108 -0.51 -18.47 11.97
CA ASP A 108 0.22 -18.93 10.79
C ASP A 108 0.43 -17.71 9.94
N ASP A 109 0.51 -16.58 10.63
CA ASP A 109 0.68 -15.25 10.06
C ASP A 109 2.13 -14.95 9.68
N TRP A 110 3.03 -15.42 10.51
CA TRP A 110 4.46 -15.26 10.33
C TRP A 110 4.93 -15.56 8.90
N LYS A 111 4.18 -16.33 8.17
CA LYS A 111 4.56 -16.76 6.83
C LYS A 111 3.73 -16.23 5.72
N ALA A 112 2.92 -15.20 6.01
CA ALA A 112 2.01 -14.70 4.95
C ALA A 112 2.61 -13.66 4.02
N THR A 113 3.54 -12.86 4.50
CA THR A 113 4.08 -11.78 3.70
C THR A 113 5.35 -12.14 2.91
N ARG A 114 5.39 -11.70 1.65
CA ARG A 114 6.54 -11.89 0.74
C ARG A 114 7.04 -10.50 0.34
N VAL A 115 8.35 -10.34 0.18
CA VAL A 115 8.92 -9.04 -0.23
C VAL A 115 9.74 -9.09 -1.52
N GLY A 116 9.59 -8.08 -2.37
CA GLY A 116 10.32 -8.06 -3.62
C GLY A 116 10.35 -6.70 -4.33
N ILE A 117 10.97 -6.64 -5.50
CA ILE A 117 11.04 -5.38 -6.21
C ILE A 117 10.50 -5.46 -7.62
N ASN A 118 10.08 -4.30 -8.14
CA ASN A 118 9.53 -4.17 -9.50
C ASN A 118 9.86 -2.76 -10.00
N ILE A 119 10.09 -2.64 -11.31
CA ILE A 119 10.43 -1.38 -11.95
C ILE A 119 9.58 -1.15 -13.19
N PHE A 120 8.58 -0.27 -13.09
CA PHE A 120 7.73 0.01 -14.24
C PHE A 120 8.24 1.17 -15.09
N THR A 121 8.12 1.05 -16.41
CA THR A 121 8.54 2.07 -17.36
C THR A 121 7.32 2.38 -18.20
N ARG A 122 7.51 2.98 -19.37
CA ARG A 122 6.37 3.29 -20.24
C ARG A 122 6.24 2.46 -21.51
N LEU A 123 5.09 2.58 -22.18
CA LEU A 123 4.82 1.86 -23.42
C LEU A 123 4.17 2.76 -24.50
N LYS B 3 -17.07 -11.95 11.27
CA LYS B 3 -17.32 -10.60 11.72
C LYS B 3 -16.04 -9.85 12.04
N CYS B 4 -15.50 -9.12 11.05
CA CYS B 4 -14.27 -8.36 11.23
C CYS B 4 -14.32 -7.09 10.37
N SER B 5 -15.25 -6.19 10.72
CA SER B 5 -15.40 -4.93 9.99
C SER B 5 -14.10 -4.15 10.10
N LEU B 6 -13.75 -3.41 9.05
CA LEU B 6 -12.52 -2.63 9.05
C LEU B 6 -12.75 -1.22 9.57
N THR B 7 -14.00 -0.79 9.55
CA THR B 7 -14.37 0.54 10.01
C THR B 7 -14.11 0.68 11.50
N GLY B 8 -13.83 1.90 11.95
CA GLY B 8 -13.59 2.13 13.36
C GLY B 8 -12.31 2.87 13.67
N LYS B 9 -11.92 2.84 14.95
CA LYS B 9 -10.70 3.49 15.42
C LYS B 9 -9.84 2.39 16.00
N TRP B 10 -8.58 2.38 15.62
CA TRP B 10 -7.63 1.36 16.08
C TRP B 10 -6.33 1.98 16.57
N THR B 11 -5.72 1.35 17.58
CA THR B 11 -4.45 1.85 18.13
C THR B 11 -3.40 0.78 17.84
N ASN B 12 -2.17 1.20 17.56
CA ASN B 12 -1.12 0.22 17.27
C ASN B 12 -0.01 0.16 18.30
N ASP B 13 0.67 -0.98 18.32
CA ASP B 13 1.78 -1.26 19.21
C ASP B 13 2.79 -0.12 19.32
N LEU B 14 3.00 0.64 18.24
CA LEU B 14 3.94 1.73 18.31
C LEU B 14 3.34 2.92 19.03
N GLY B 15 2.02 2.91 19.23
CA GLY B 15 1.36 4.00 19.91
C GLY B 15 0.34 4.79 19.12
N SER B 16 0.43 4.72 17.79
CA SER B 16 -0.49 5.44 16.90
C SER B 16 -1.95 5.06 16.99
N ASN B 17 -2.75 5.87 16.31
CA ASN B 17 -4.19 5.68 16.25
C ASN B 17 -4.59 5.75 14.79
N MET B 18 -5.49 4.86 14.38
CA MET B 18 -5.97 4.80 13.00
C MET B 18 -7.49 4.80 12.93
N THR B 19 -8.05 5.70 12.14
CA THR B 19 -9.50 5.77 12.01
C THR B 19 -9.92 5.44 10.59
N ILE B 20 -10.78 4.43 10.46
CA ILE B 20 -11.24 4.00 9.17
C ILE B 20 -12.74 4.14 9.06
N GLY B 21 -13.20 4.43 7.86
CA GLY B 21 -14.63 4.63 7.64
C GLY B 21 -15.37 3.40 7.17
N ALA B 22 -16.53 3.65 6.54
CA ALA B 22 -17.37 2.59 6.03
C ALA B 22 -16.75 1.99 4.79
N VAL B 23 -16.57 0.68 4.81
CA VAL B 23 -16.03 -0.09 3.67
C VAL B 23 -17.15 -0.35 2.68
N ASN B 24 -16.83 -0.23 1.38
CA ASN B 24 -18.00 -0.28 0.44
C ASN B 24 -18.17 -1.68 -0.03
N SER B 25 -18.61 -1.97 -1.22
CA SER B 25 -18.77 -3.24 -1.87
C SER B 25 -17.49 -3.74 -2.58
N ARG B 26 -16.76 -2.84 -3.27
CA ARG B 26 -15.56 -3.27 -3.99
C ARG B 26 -14.41 -3.41 -3.00
N GLY B 27 -14.74 -3.24 -1.73
CA GLY B 27 -13.78 -3.39 -0.65
C GLY B 27 -13.01 -2.19 -0.18
N GLU B 28 -13.08 -1.08 -0.90
CA GLU B 28 -12.34 0.13 -0.55
C GLU B 28 -12.76 0.82 0.74
N PHE B 29 -12.01 1.84 1.12
CA PHE B 29 -12.30 2.59 2.32
C PHE B 29 -11.37 3.78 2.41
N THR B 30 -11.56 4.59 3.43
CA THR B 30 -10.74 5.77 3.60
C THR B 30 -10.75 6.15 5.06
N GLY B 31 -9.76 6.92 5.47
CA GLY B 31 -9.68 7.33 6.85
C GLY B 31 -8.45 8.15 7.18
N THR B 32 -8.30 8.44 8.47
CA THR B 32 -7.15 9.21 8.93
C THR B 32 -6.25 8.31 9.73
N TYR B 33 -4.99 8.69 9.83
CA TYR B 33 -4.03 7.88 10.55
C TYR B 33 -2.99 8.74 11.28
N THR B 34 -3.21 8.99 12.56
CA THR B 34 -2.26 9.80 13.30
C THR B 34 -1.14 8.89 13.79
N THR B 35 0.05 9.09 13.24
CA THR B 35 1.20 8.30 13.65
C THR B 35 1.64 8.82 15.02
N ALA B 36 2.23 7.92 15.80
CA ALA B 36 2.71 8.24 17.13
C ALA B 36 4.23 8.26 17.11
N VAL B 37 4.82 8.15 15.92
CA VAL B 37 6.27 8.14 15.79
C VAL B 37 6.68 8.75 14.46
N THR B 38 7.85 9.38 14.43
CA THR B 38 8.35 10.01 13.20
C THR B 38 9.85 9.84 13.05
N ALA B 39 10.30 9.64 11.82
CA ALA B 39 11.71 9.48 11.53
C ALA B 39 12.25 10.78 10.97
N THR B 40 11.46 11.85 11.11
CA THR B 40 11.84 13.18 10.63
C THR B 40 11.82 14.22 11.76
N SER B 41 11.90 15.48 11.35
CA SER B 41 11.91 16.60 12.28
C SER B 41 10.68 17.45 12.08
N ASN B 42 9.63 16.88 11.50
CA ASN B 42 8.42 17.66 11.25
C ASN B 42 7.31 17.46 12.27
N GLU B 43 6.31 18.33 12.17
CA GLU B 43 5.16 18.31 13.04
C GLU B 43 4.39 17.03 12.72
N ILE B 44 4.15 16.20 13.73
CA ILE B 44 3.42 14.95 13.54
C ILE B 44 1.96 15.33 13.23
N LYS B 45 1.73 15.69 11.96
CA LYS B 45 0.41 16.10 11.50
C LYS B 45 -0.38 14.96 10.88
N GLU B 46 -1.66 14.91 11.23
CA GLU B 46 -2.55 13.88 10.73
C GLU B 46 -2.45 13.68 9.22
N SER B 47 -2.96 12.54 8.76
CA SER B 47 -2.95 12.23 7.34
C SER B 47 -4.01 11.20 6.99
N PRO B 48 -4.42 11.18 5.71
CA PRO B 48 -5.44 10.27 5.17
C PRO B 48 -4.85 8.98 4.59
N LEU B 49 -5.52 7.87 4.79
CA LEU B 49 -5.04 6.63 4.18
C LEU B 49 -6.10 6.00 3.29
N HIS B 50 -5.66 5.54 2.14
CA HIS B 50 -6.57 4.92 1.19
C HIS B 50 -6.22 3.45 1.05
N GLY B 51 -7.23 2.59 1.05
CA GLY B 51 -6.96 1.16 0.93
C GLY B 51 -8.16 0.32 0.53
N THR B 52 -7.90 -0.95 0.26
CA THR B 52 -8.94 -1.90 -0.15
C THR B 52 -8.79 -3.19 0.63
N GLU B 53 -9.88 -3.93 0.72
CA GLU B 53 -9.86 -5.19 1.43
C GLU B 53 -10.57 -6.18 0.52
N ASN B 54 -9.99 -7.38 0.40
CA ASN B 54 -10.55 -8.42 -0.45
C ASN B 54 -12.04 -8.67 -0.18
N THR B 55 -12.69 -9.33 -1.12
CA THR B 55 -14.12 -9.66 -1.00
C THR B 55 -14.44 -10.96 -1.74
N LYS B 58 -16.12 -15.71 0.34
CA LYS B 58 -16.48 -14.82 1.44
C LYS B 58 -16.02 -15.40 2.79
N ARG B 59 -14.84 -14.98 3.24
CA ARG B 59 -14.25 -15.44 4.50
C ARG B 59 -14.47 -14.41 5.61
N THR B 60 -14.38 -14.89 6.85
CA THR B 60 -14.56 -14.03 8.02
C THR B 60 -13.33 -13.14 8.30
N GLN B 61 -12.14 -13.68 8.03
CA GLN B 61 -10.89 -12.96 8.25
C GLN B 61 -10.28 -12.62 6.89
N PRO B 62 -10.58 -11.43 6.36
CA PRO B 62 -10.06 -11.01 5.06
C PRO B 62 -8.78 -10.20 5.13
N THR B 63 -7.89 -10.38 4.15
CA THR B 63 -6.62 -9.66 4.07
C THR B 63 -6.86 -8.35 3.32
N PHE B 64 -6.27 -7.27 3.80
CA PHE B 64 -6.46 -5.96 3.18
C PHE B 64 -5.13 -5.32 2.84
N GLY B 65 -5.18 -4.07 2.40
CA GLY B 65 -3.95 -3.38 2.06
C GLY B 65 -4.25 -1.92 1.83
N PHE B 66 -3.55 -1.02 2.54
CA PHE B 66 -3.78 0.41 2.37
C PHE B 66 -2.53 1.27 2.38
N THR B 67 -2.67 2.45 1.77
CA THR B 67 -1.62 3.46 1.65
C THR B 67 -1.94 4.67 2.53
N VAL B 68 -0.98 5.09 3.34
CA VAL B 68 -1.16 6.26 4.21
C VAL B 68 -0.30 7.38 3.65
N ASN B 69 -0.94 8.36 3.01
CA ASN B 69 -0.25 9.51 2.42
C ASN B 69 0.03 10.58 3.49
N TRP B 70 1.23 10.54 4.08
CA TRP B 70 1.62 11.48 5.14
C TRP B 70 1.55 12.91 4.66
N LYS B 71 1.08 13.80 5.55
CA LYS B 71 0.93 15.22 5.24
C LYS B 71 2.14 16.08 5.57
N PHE B 72 2.90 15.68 6.60
CA PHE B 72 4.08 16.43 7.00
C PHE B 72 5.38 15.94 6.37
N SER B 73 5.32 15.42 5.15
CA SER B 73 6.53 14.94 4.48
C SER B 73 6.34 14.27 3.13
N GLU B 74 7.40 14.31 2.33
CA GLU B 74 7.44 13.72 1.00
C GLU B 74 7.65 12.22 1.18
N SER B 75 6.63 11.53 1.65
CA SER B 75 6.75 10.10 1.89
C SER B 75 5.44 9.37 1.89
N THR B 76 5.54 8.06 1.76
CA THR B 76 4.37 7.20 1.76
C THR B 76 4.70 5.94 2.53
N THR B 77 3.69 5.37 3.16
CA THR B 77 3.84 4.14 3.88
C THR B 77 2.76 3.24 3.36
N VAL B 78 3.03 1.95 3.25
CA VAL B 78 2.04 1.01 2.77
C VAL B 78 1.93 -0.19 3.70
N PHE B 79 0.75 -0.39 4.27
CA PHE B 79 0.52 -1.50 5.17
C PHE B 79 -0.27 -2.55 4.42
N THR B 80 -0.06 -3.80 4.81
CA THR B 80 -0.79 -4.92 4.22
C THR B 80 -0.87 -6.02 5.29
N GLY B 81 -2.08 -6.49 5.55
CA GLY B 81 -2.25 -7.51 6.58
C GLY B 81 -3.56 -8.27 6.52
N GLN B 82 -3.95 -8.82 7.67
CA GLN B 82 -5.16 -9.61 7.75
C GLN B 82 -5.93 -9.42 9.06
N CYS B 83 -7.26 -9.40 8.97
CA CYS B 83 -8.11 -9.23 10.14
C CYS B 83 -8.36 -10.59 10.80
N PHE B 84 -7.81 -10.78 12.00
CA PHE B 84 -7.97 -12.01 12.75
C PHE B 84 -8.86 -11.88 13.98
N ILE B 85 -9.57 -12.95 14.32
CA ILE B 85 -10.45 -13.02 15.51
C ILE B 85 -9.64 -13.67 16.63
N ASP B 86 -8.92 -12.81 17.35
CA ASP B 86 -8.07 -13.18 18.46
C ASP B 86 -8.84 -13.95 19.55
N ARG B 87 -8.68 -15.22 19.41
CA ARG B 87 -9.16 -16.40 20.08
C ARG B 87 -10.41 -16.27 20.90
N ASN B 88 -10.50 -15.41 21.83
CA ASN B 88 -11.62 -15.18 22.71
C ASN B 88 -12.84 -14.74 21.88
N GLY B 89 -12.52 -13.79 20.99
CA GLY B 89 -13.51 -13.15 20.16
C GLY B 89 -13.38 -11.65 20.01
N LYS B 90 -12.22 -11.10 20.17
CA LYS B 90 -11.77 -9.77 19.91
C LYS B 90 -10.98 -9.74 18.57
N GLU B 91 -11.25 -8.82 17.65
CA GLU B 91 -10.53 -8.63 16.39
C GLU B 91 -9.12 -8.10 16.64
N VAL B 92 -8.19 -8.45 15.75
CA VAL B 92 -6.81 -8.02 15.85
C VAL B 92 -6.23 -7.95 14.45
N LEU B 93 -5.69 -6.80 14.09
CA LEU B 93 -5.11 -6.65 12.77
C LEU B 93 -3.59 -6.74 12.79
N LYS B 94 -3.05 -7.79 12.19
CA LYS B 94 -1.61 -7.94 12.10
C LYS B 94 -1.34 -7.45 10.70
N THR B 95 -0.29 -6.66 10.53
CA THR B 95 0.06 -6.11 9.22
C THR B 95 1.56 -5.86 9.13
N MET B 96 2.00 -5.55 7.92
CA MET B 96 3.40 -5.21 7.66
C MET B 96 3.36 -3.98 6.79
N TRP B 97 4.43 -3.20 6.81
CA TRP B 97 4.46 -2.00 6.01
C TRP B 97 5.83 -1.74 5.47
N LEU B 98 5.88 -0.93 4.41
CA LEU B 98 7.12 -0.52 3.79
C LEU B 98 7.09 1.01 3.81
N LEU B 99 8.02 1.61 4.58
CA LEU B 99 8.14 3.08 4.70
C LEU B 99 9.05 3.67 3.62
N ARG B 100 8.46 4.28 2.59
CA ARG B 100 9.22 4.84 1.48
C ARG B 100 9.70 6.29 1.60
N SER B 101 10.98 6.45 1.96
CA SER B 101 11.58 7.77 2.09
C SER B 101 11.86 8.24 0.66
N SER B 102 12.08 9.54 0.46
CA SER B 102 12.35 10.09 -0.87
C SER B 102 13.78 10.55 -1.03
N VAL B 103 14.33 10.31 -2.21
CA VAL B 103 15.69 10.71 -2.53
C VAL B 103 15.67 11.76 -3.64
N ASN B 104 16.83 12.07 -4.20
CA ASN B 104 16.91 13.07 -5.26
C ASN B 104 17.44 12.46 -6.57
N ASP B 105 18.27 11.42 -6.44
CA ASP B 105 18.86 10.71 -7.58
C ASP B 105 18.37 9.25 -7.70
N ILE B 106 18.23 8.77 -8.93
CA ILE B 106 17.78 7.40 -9.19
C ILE B 106 18.85 6.41 -8.73
N GLY B 107 19.78 6.91 -7.92
CA GLY B 107 20.84 6.07 -7.41
C GLY B 107 20.64 5.77 -5.95
N ASP B 108 20.39 6.81 -5.16
CA ASP B 108 20.19 6.66 -3.73
C ASP B 108 18.81 6.12 -3.37
N ASP B 109 18.29 5.22 -4.21
CA ASP B 109 16.97 4.60 -4.00
C ASP B 109 17.01 3.50 -2.94
N TRP B 110 18.03 2.66 -2.98
CA TRP B 110 18.12 1.59 -2.00
C TRP B 110 18.00 2.11 -0.56
N LYS B 111 18.68 3.17 -0.23
CA LYS B 111 18.60 3.66 1.13
C LYS B 111 17.24 4.21 1.43
N ALA B 112 16.29 4.01 0.52
CA ALA B 112 14.95 4.58 0.70
C ALA B 112 13.85 3.73 1.29
N THR B 113 14.01 2.41 1.27
CA THR B 113 12.93 1.60 1.78
C THR B 113 13.17 0.93 3.12
N ARG B 114 12.19 1.10 4.00
CA ARG B 114 12.21 0.54 5.34
C ARG B 114 11.00 -0.40 5.51
N VAL B 115 11.19 -1.48 6.27
CA VAL B 115 10.16 -2.47 6.50
C VAL B 115 9.99 -2.77 7.98
N GLY B 116 8.76 -3.03 8.41
CA GLY B 116 8.51 -3.32 9.81
C GLY B 116 7.08 -3.80 10.01
N ILE B 117 6.79 -4.36 11.17
CA ILE B 117 5.45 -4.86 11.43
C ILE B 117 4.60 -3.87 12.18
N ASN B 118 3.38 -4.29 12.53
CA ASN B 118 2.44 -3.42 13.26
C ASN B 118 1.13 -4.14 13.59
N ILE B 119 0.81 -4.28 14.88
CA ILE B 119 -0.43 -4.94 15.28
C ILE B 119 -1.46 -3.93 15.78
N PHE B 120 -2.60 -3.87 15.11
CA PHE B 120 -3.65 -2.93 15.50
C PHE B 120 -4.76 -3.57 16.32
N THR B 121 -5.30 -2.82 17.28
CA THR B 121 -6.39 -3.29 18.12
C THR B 121 -7.43 -2.17 18.21
N ARG B 122 -8.66 -2.52 18.59
CA ARG B 122 -9.74 -1.54 18.72
C ARG B 122 -9.67 -0.62 19.94
N LEU B 123 -8.93 0.47 19.81
CA LEU B 123 -8.79 1.45 20.90
C LEU B 123 -10.17 2.02 21.20
#